data_9KTF
#
_entry.id   9KTF
#
_cell.length_a   49.010
_cell.length_b   50.010
_cell.length_c   118.960
_cell.angle_alpha   90.00
_cell.angle_beta   90.00
_cell.angle_gamma   90.00
#
_symmetry.space_group_name_H-M   'P 21 21 21'
#
loop_
_entity.id
_entity.type
_entity.pdbx_description
1 polymer 'Coproporphyrin III ferrochelatase'
2 non-polymer 3-(bromomethyl)-2,5,6-trimethyl-1H,7H-pyrazolo[1,2-a]pyrazole-1,7-dione
3 non-polymer 'MAGNESIUM ION'
4 non-polymer 'NICKEL (II) ION'
5 non-polymer 'CHLORIDE ION'
6 water water
#
_entity_poly.entity_id   1
_entity_poly.type   'polypeptide(L)'
_entity_poly.pdbx_seq_one_letter_code
;MVSRKKMGLLVMACGTPYKEEDIERYYTHIRRGRKPEPEMLQDLKDRYEAIGGISPLAQITEQQAHNLEQHLNEIQDEIT
FKAYIGLKHIEPFIEDAVAEMHKDGITEAVSIVLAPHFSTFSVQSYNKRAKEEAEKLGGLTITSVESWYDEPKFVTYWVD
RVKETYASMPEDERENAMLIVSAHSLPEKIKEFGDPYPDQLHESAKLIAEGAGVSEYAVGWQSEGNTPDPWLGPDVQDLT
RDLFEQKGYQAFVYVPVGFVADHLEVLYDNDYECKVVTDDIGASYYRPEMPNAKPEFIDALATVVLKKLGRVDKLAAALE
HHHHHH
;
_entity_poly.pdbx_strand_id   A
#
loop_
_chem_comp.id
_chem_comp.type
_chem_comp.name
_chem_comp.formula
9UM non-polymer 3-(bromomethyl)-2,5,6-trimethyl-1H,7H-pyrazolo[1,2-a]pyrazole-1,7-dione 'C10 H11 Br N2 O2'
CL non-polymer 'CHLORIDE ION' 'Cl -1'
MG non-polymer 'MAGNESIUM ION' 'Mg 2'
NI non-polymer 'NICKEL (II) ION' 'Ni 2'
#
# COMPACT_ATOMS: atom_id res chain seq x y z
N SER A 3 9.48 34.43 3.37
CA SER A 3 8.76 34.29 2.10
C SER A 3 7.88 33.03 2.10
N ARG A 4 8.45 31.90 1.70
CA ARG A 4 7.67 30.67 1.65
C ARG A 4 7.52 30.11 3.06
N LYS A 5 6.34 29.56 3.36
CA LYS A 5 6.16 28.96 4.68
C LYS A 5 6.81 27.58 4.72
N LYS A 6 7.55 27.26 5.78
CA LYS A 6 8.24 25.96 5.90
C LYS A 6 7.29 24.96 6.55
N MET A 7 7.16 23.77 5.95
CA MET A 7 6.33 22.75 6.60
C MET A 7 7.05 21.41 6.53
N GLY A 8 6.92 20.62 7.59
CA GLY A 8 7.33 19.22 7.48
C GLY A 8 6.33 18.40 6.68
N LEU A 9 6.83 17.41 5.96
CA LEU A 9 6.02 16.46 5.20
C LEU A 9 6.38 15.09 5.76
N LEU A 10 5.52 14.55 6.63
CA LEU A 10 5.78 13.28 7.31
C LEU A 10 5.16 12.16 6.46
N VAL A 11 6.00 11.33 5.87
CA VAL A 11 5.58 10.25 4.96
C VAL A 11 5.75 8.94 5.72
N MET A 12 4.65 8.22 5.98
CA MET A 12 4.68 7.03 6.83
C MET A 12 4.40 5.78 6.01
N ALA A 13 5.08 4.68 6.39
CA ALA A 13 4.92 3.42 5.68
C ALA A 13 5.28 2.29 6.63
N CYS A 14 5.13 1.06 6.13
CA CYS A 14 5.34 -0.14 6.95
C CYS A 14 6.82 -0.33 7.29
N GLY A 15 7.70 -0.04 6.33
CA GLY A 15 9.10 -0.38 6.44
C GLY A 15 9.43 -1.71 5.80
N THR A 16 10.73 -1.89 5.56
CA THR A 16 11.30 -3.11 4.99
C THR A 16 12.63 -3.41 5.67
N PRO A 17 13.08 -4.67 5.68
CA PRO A 17 14.50 -4.89 6.02
C PRO A 17 15.39 -4.13 5.02
N TYR A 18 16.61 -3.82 5.44
CA TYR A 18 17.58 -3.17 4.55
C TYR A 18 18.61 -4.14 3.99
N LYS A 19 18.71 -5.32 4.58
CA LYS A 19 19.64 -6.38 4.19
CA LYS A 19 19.65 -6.37 4.21
C LYS A 19 19.11 -7.67 4.82
N GLU A 20 19.68 -8.78 4.40
CA GLU A 20 19.18 -10.07 4.86
C GLU A 20 19.30 -10.23 6.39
N GLU A 21 20.34 -9.64 6.98
CA GLU A 21 20.56 -9.75 8.42
C GLU A 21 19.59 -8.89 9.21
N ASP A 22 18.71 -8.09 8.57
CA ASP A 22 17.62 -7.39 9.25
C ASP A 22 16.33 -8.21 9.29
N ILE A 23 16.24 -9.34 8.58
CA ILE A 23 14.97 -10.09 8.58
C ILE A 23 14.53 -10.45 10.01
N GLU A 24 15.47 -10.96 10.83
CA GLU A 24 15.10 -11.36 12.19
C GLU A 24 14.47 -10.21 12.95
N ARG A 25 15.11 -9.03 12.96
CA ARG A 25 14.57 -7.95 13.81
C ARG A 25 13.30 -7.37 13.23
N TYR A 26 13.16 -7.32 11.89
CA TYR A 26 11.96 -6.77 11.29
C TYR A 26 10.77 -7.66 11.59
N TYR A 27 10.92 -8.98 11.40
CA TYR A 27 9.81 -9.90 11.69
C TYR A 27 9.56 -10.07 13.19
N THR A 28 10.58 -9.97 14.05
CA THR A 28 10.30 -9.99 15.49
C THR A 28 9.38 -8.83 15.84
N HIS A 29 9.59 -7.66 15.24
CA HIS A 29 8.75 -6.49 15.54
C HIS A 29 7.32 -6.69 15.04
N ILE A 30 7.16 -7.23 13.81
CA ILE A 30 5.84 -7.55 13.26
C ILE A 30 5.10 -8.55 14.15
N ARG A 31 5.84 -9.55 14.67
CA ARG A 31 5.31 -10.61 15.51
C ARG A 31 5.21 -10.21 16.97
N ARG A 32 5.33 -8.94 17.28
CA ARG A 32 5.04 -8.45 18.64
C ARG A 32 5.97 -9.08 19.66
N GLY A 33 7.25 -9.17 19.31
CA GLY A 33 8.29 -9.59 20.22
C GLY A 33 8.66 -11.06 20.15
N ARG A 34 8.02 -11.83 19.26
CA ARG A 34 8.27 -13.26 19.15
C ARG A 34 9.24 -13.49 17.99
N LYS A 35 10.46 -13.91 18.29
CA LYS A 35 11.50 -14.19 17.27
C LYS A 35 11.03 -15.33 16.36
N PRO A 36 11.12 -15.20 15.02
CA PRO A 36 10.77 -16.33 14.16
C PRO A 36 11.71 -17.51 14.41
N GLU A 37 11.16 -18.71 14.27
CA GLU A 37 11.99 -19.91 14.41
C GLU A 37 12.96 -20.04 13.23
N PRO A 38 14.02 -20.87 13.37
CA PRO A 38 15.06 -20.90 12.31
C PRO A 38 14.52 -21.29 10.95
N GLU A 39 13.54 -22.22 10.86
CA GLU A 39 13.04 -22.58 9.54
C GLU A 39 12.32 -21.41 8.89
N MET A 40 11.59 -20.63 9.67
CA MET A 40 10.93 -19.47 9.11
C MET A 40 11.93 -18.41 8.64
N LEU A 41 12.99 -18.16 9.41
CA LEU A 41 14.03 -17.24 8.96
C LEU A 41 14.60 -17.68 7.61
N GLN A 42 14.89 -18.96 7.49
CA GLN A 42 15.45 -19.46 6.23
C GLN A 42 14.44 -19.34 5.10
N ASP A 43 13.16 -19.63 5.37
CA ASP A 43 12.13 -19.51 4.33
CA ASP A 43 12.17 -19.51 4.31
C ASP A 43 12.02 -18.07 3.84
N LEU A 44 12.05 -17.11 4.78
CA LEU A 44 11.92 -15.71 4.42
C LEU A 44 13.09 -15.25 3.58
N LYS A 45 14.31 -15.67 3.97
CA LYS A 45 15.45 -15.35 3.14
C LYS A 45 15.25 -15.86 1.73
N ASP A 46 14.76 -17.10 1.60
CA ASP A 46 14.54 -17.66 0.25
C ASP A 46 13.51 -16.86 -0.53
N ARG A 47 12.43 -16.42 0.13
CA ARG A 47 11.39 -15.67 -0.56
C ARG A 47 11.93 -14.34 -1.07
N TYR A 48 12.68 -13.62 -0.23
CA TYR A 48 13.26 -12.36 -0.71
C TYR A 48 14.23 -12.59 -1.86
N GLU A 49 15.01 -13.68 -1.82
CA GLU A 49 15.90 -13.98 -2.95
C GLU A 49 15.10 -14.25 -4.22
N ALA A 50 14.01 -15.01 -4.08
CA ALA A 50 13.22 -15.38 -5.26
C ALA A 50 12.59 -14.15 -5.93
N ILE A 51 12.26 -13.12 -5.16
CA ILE A 51 11.64 -11.94 -5.77
C ILE A 51 12.64 -10.88 -6.22
N GLY A 52 13.95 -11.19 -6.23
CA GLY A 52 14.98 -10.27 -6.70
C GLY A 52 15.80 -9.56 -5.65
N GLY A 53 15.58 -9.82 -4.36
CA GLY A 53 16.43 -9.24 -3.33
C GLY A 53 15.72 -8.17 -2.50
N ILE A 54 16.27 -7.93 -1.31
CA ILE A 54 15.69 -6.95 -0.38
C ILE A 54 16.01 -5.52 -0.81
N SER A 55 17.27 -5.23 -1.24
CA SER A 55 17.76 -3.85 -1.44
C SER A 55 16.82 -2.98 -2.27
N PRO A 56 16.38 -3.44 -3.43
CA PRO A 56 15.49 -2.57 -4.24
C PRO A 56 14.22 -2.21 -3.49
N LEU A 57 13.67 -3.16 -2.73
CA LEU A 57 12.42 -2.90 -2.02
C LEU A 57 12.62 -1.84 -0.97
N ALA A 58 13.78 -1.86 -0.34
CA ALA A 58 14.09 -0.91 0.71
C ALA A 58 14.33 0.50 0.21
N GLN A 59 14.55 0.71 -1.07
CA GLN A 59 14.72 2.06 -1.63
C GLN A 59 13.43 2.79 -1.96
N ILE A 60 12.30 2.07 -2.05
CA ILE A 60 11.12 2.65 -2.71
C ILE A 60 10.49 3.75 -1.86
N THR A 61 10.31 3.52 -0.56
CA THR A 61 9.68 4.56 0.27
C THR A 61 10.53 5.84 0.25
N GLU A 62 11.86 5.69 0.31
CA GLU A 62 12.72 6.88 0.27
C GLU A 62 12.56 7.62 -1.04
N GLN A 63 12.50 6.90 -2.16
CA GLN A 63 12.30 7.53 -3.46
C GLN A 63 10.94 8.20 -3.56
N GLN A 64 9.90 7.56 -3.01
CA GLN A 64 8.57 8.18 -2.98
C GLN A 64 8.59 9.49 -2.19
N ALA A 65 9.20 9.47 -0.99
CA ALA A 65 9.22 10.68 -0.17
C ALA A 65 10.05 11.78 -0.81
N HIS A 66 11.20 11.44 -1.41
CA HIS A 66 12.04 12.45 -2.03
C HIS A 66 11.37 13.05 -3.26
N ASN A 67 10.79 12.21 -4.12
CA ASN A 67 10.14 12.75 -5.32
C ASN A 67 8.90 13.58 -4.93
N LEU A 68 8.14 13.14 -3.89
CA LEU A 68 6.97 13.92 -3.47
C LEU A 68 7.39 15.31 -2.94
N GLU A 69 8.43 15.36 -2.12
CA GLU A 69 8.92 16.66 -1.63
C GLU A 69 9.28 17.57 -2.80
N GLN A 70 10.08 17.07 -3.74
CA GLN A 70 10.55 17.96 -4.81
C GLN A 70 9.39 18.37 -5.71
N HIS A 71 8.45 17.46 -5.97
CA HIS A 71 7.34 17.79 -6.84
C HIS A 71 6.40 18.82 -6.21
N LEU A 72 6.08 18.60 -4.92
CA LEU A 72 5.26 19.59 -4.21
C LEU A 72 5.92 20.97 -4.23
N ASN A 73 7.24 21.04 -4.03
CA ASN A 73 7.93 22.34 -4.00
C ASN A 73 7.95 23.01 -5.37
N GLU A 74 7.88 22.23 -6.44
CA GLU A 74 7.87 22.79 -7.80
C GLU A 74 6.47 23.28 -8.23
N ILE A 75 5.39 22.59 -7.84
CA ILE A 75 4.08 22.85 -8.45
C ILE A 75 3.31 23.98 -7.79
N GLN A 76 3.77 24.47 -6.64
CA GLN A 76 3.17 25.62 -6.00
C GLN A 76 4.29 26.42 -5.37
N ASP A 77 3.96 27.67 -5.00
CA ASP A 77 4.97 28.67 -4.63
C ASP A 77 4.84 29.19 -3.21
N GLU A 78 3.89 28.67 -2.41
CA GLU A 78 3.59 29.20 -1.08
C GLU A 78 4.29 28.47 0.05
N ILE A 79 4.53 27.16 -0.10
CA ILE A 79 5.05 26.31 0.98
C ILE A 79 6.36 25.66 0.51
N THR A 80 7.35 25.58 1.40
CA THR A 80 8.51 24.74 1.17
C THR A 80 8.39 23.55 2.13
N PHE A 81 8.21 22.38 1.54
CA PHE A 81 8.12 21.12 2.29
C PHE A 81 9.50 20.48 2.48
N LYS A 82 9.74 19.87 3.64
CA LYS A 82 10.88 18.96 3.85
C LYS A 82 10.33 17.61 4.28
N ALA A 83 10.68 16.59 3.53
CA ALA A 83 10.21 15.23 3.84
C ALA A 83 10.97 14.57 4.99
N TYR A 84 10.22 13.82 5.81
CA TYR A 84 10.76 12.95 6.86
C TYR A 84 10.01 11.63 6.78
N ILE A 85 10.72 10.51 6.79
CA ILE A 85 10.15 9.17 6.68
C ILE A 85 9.98 8.57 8.08
N GLY A 86 8.75 8.11 8.38
CA GLY A 86 8.48 7.42 9.61
C GLY A 86 7.90 6.05 9.36
N LEU A 87 8.56 5.00 9.85
CA LEU A 87 8.18 3.62 9.55
C LEU A 87 7.59 2.92 10.77
N LYS A 88 6.76 1.92 10.50
CA LYS A 88 6.13 1.19 11.58
C LYS A 88 7.06 0.18 12.23
N HIS A 89 7.83 -0.60 11.44
CA HIS A 89 8.45 -1.82 11.98
C HIS A 89 9.97 -1.85 11.99
N ILE A 90 10.62 -0.76 11.60
CA ILE A 90 12.08 -0.67 11.59
C ILE A 90 12.44 0.82 11.57
N GLU A 91 13.67 1.15 11.93
CA GLU A 91 14.08 2.54 11.93
C GLU A 91 14.23 3.03 10.48
N PRO A 92 14.02 4.35 10.25
CA PRO A 92 13.56 5.35 11.23
C PRO A 92 12.08 5.15 11.61
N PHE A 93 11.79 5.00 12.89
CA PHE A 93 10.40 4.84 13.34
C PHE A 93 9.65 6.17 13.27
N ILE A 94 8.31 6.07 13.34
CA ILE A 94 7.45 7.27 13.36
C ILE A 94 7.97 8.26 14.39
N GLU A 95 8.25 7.78 15.61
CA GLU A 95 8.67 8.70 16.67
C GLU A 95 10.03 9.32 16.38
N ASP A 96 10.94 8.59 15.69
CA ASP A 96 12.24 9.15 15.30
C ASP A 96 12.04 10.30 14.30
N ALA A 97 11.11 10.13 13.37
CA ALA A 97 10.86 11.18 12.37
C ALA A 97 10.30 12.43 13.03
N VAL A 98 9.36 12.27 13.95
CA VAL A 98 8.79 13.44 14.61
C VAL A 98 9.84 14.13 15.48
N ALA A 99 10.71 13.36 16.16
CA ALA A 99 11.78 13.97 16.96
C ALA A 99 12.75 14.72 16.06
N GLU A 100 13.05 14.19 14.89
CA GLU A 100 13.95 14.91 13.96
C GLU A 100 13.31 16.21 13.46
N MET A 101 12.03 16.17 13.09
CA MET A 101 11.32 17.40 12.72
C MET A 101 11.42 18.44 13.82
N HIS A 102 11.19 18.03 15.06
CA HIS A 102 11.24 18.96 16.18
C HIS A 102 12.65 19.53 16.30
N LYS A 103 13.67 18.66 16.22
CA LYS A 103 15.07 19.11 16.36
C LYS A 103 15.43 20.11 15.27
N ASP A 104 14.96 19.91 14.04
CA ASP A 104 15.27 20.75 12.90
C ASP A 104 14.51 22.09 12.92
N GLY A 105 13.63 22.30 13.89
CA GLY A 105 12.89 23.55 13.98
C GLY A 105 11.57 23.58 13.22
N ILE A 106 11.07 22.44 12.74
CA ILE A 106 9.73 22.39 12.14
C ILE A 106 8.69 22.63 13.23
N THR A 107 7.69 23.50 12.95
CA THR A 107 6.57 23.73 13.88
C THR A 107 5.22 23.32 13.34
N GLU A 108 5.13 23.05 12.04
CA GLU A 108 3.87 22.73 11.38
C GLU A 108 4.17 21.69 10.33
N ALA A 109 3.41 20.58 10.31
CA ALA A 109 3.66 19.50 9.38
C ALA A 109 2.33 18.97 8.86
N VAL A 110 2.39 18.34 7.71
CA VAL A 110 1.29 17.54 7.16
C VAL A 110 1.79 16.11 7.00
N SER A 111 0.96 15.13 7.32
CA SER A 111 1.38 13.74 7.19
C SER A 111 0.49 12.98 6.21
N ILE A 112 1.08 11.95 5.61
CA ILE A 112 0.36 11.04 4.73
C ILE A 112 0.93 9.66 4.92
N VAL A 113 0.05 8.65 5.03
CA VAL A 113 0.41 7.23 5.06
C VAL A 113 0.35 6.72 3.63
N LEU A 114 1.37 5.95 3.26
CA LEU A 114 1.45 5.39 1.90
C LEU A 114 0.64 4.08 1.85
N ALA A 115 -0.67 4.24 2.13
CA ALA A 115 -1.70 3.21 2.08
C ALA A 115 -3.01 3.99 1.86
N PRO A 116 -3.73 3.79 0.76
CA PRO A 116 -4.83 4.72 0.42
C PRO A 116 -6.11 4.57 1.22
N HIS A 117 -6.31 3.46 1.89
CA HIS A 117 -7.55 3.23 2.65
C HIS A 117 -7.32 3.42 4.14
N PHE A 118 -8.28 4.11 4.78
CA PHE A 118 -8.22 4.21 6.24
C PHE A 118 -8.57 2.87 6.88
N SER A 119 -7.83 2.51 7.94
CA SER A 119 -8.34 1.49 8.88
C SER A 119 -7.89 1.86 10.28
N THR A 120 -8.60 1.29 11.27
CA THR A 120 -8.24 1.47 12.68
C THR A 120 -6.95 0.76 13.06
N PHE A 121 -6.52 -0.25 12.29
CA PHE A 121 -5.33 -1.00 12.66
C PHE A 121 -4.06 -0.32 12.18
N SER A 122 -4.08 0.24 10.97
CA SER A 122 -2.87 0.79 10.39
C SER A 122 -2.94 2.30 10.43
N VAL A 123 -3.62 2.92 9.43
CA VAL A 123 -3.58 4.38 9.29
C VAL A 123 -3.86 5.08 10.63
N GLN A 124 -4.98 4.74 11.32
CA GLN A 124 -5.29 5.48 12.53
C GLN A 124 -4.16 5.33 13.57
N SER A 125 -3.55 4.15 13.64
CA SER A 125 -2.46 3.92 14.59
CA SER A 125 -2.46 3.91 14.59
C SER A 125 -1.22 4.73 14.23
N TYR A 126 -0.87 4.81 12.93
CA TYR A 126 0.26 5.66 12.51
CA TYR A 126 0.28 5.65 12.56
C TYR A 126 0.02 7.11 12.91
N ASN A 127 -1.19 7.63 12.61
CA ASN A 127 -1.48 9.05 12.85
C ASN A 127 -1.48 9.36 14.33
N LYS A 128 -2.05 8.45 15.13
CA LYS A 128 -2.04 8.66 16.58
C LYS A 128 -0.62 8.64 17.14
N ARG A 129 0.25 7.73 16.66
CA ARG A 129 1.63 7.69 17.15
C ARG A 129 2.35 9.00 16.83
N ALA A 130 2.19 9.50 15.59
CA ALA A 130 2.84 10.74 15.20
C ALA A 130 2.36 11.90 16.06
N LYS A 131 1.04 11.99 16.28
CA LYS A 131 0.51 13.13 17.05
C LYS A 131 0.91 13.05 18.51
N GLU A 132 0.91 11.85 19.09
CA GLU A 132 1.33 11.70 20.48
C GLU A 132 2.80 12.09 20.66
N GLU A 133 3.67 11.74 19.71
CA GLU A 133 5.06 12.16 19.84
C GLU A 133 5.19 13.67 19.74
N ALA A 134 4.45 14.30 18.80
CA ALA A 134 4.50 15.76 18.71
C ALA A 134 4.04 16.43 20.02
N GLU A 135 2.97 15.91 20.62
CA GLU A 135 2.47 16.43 21.91
C GLU A 135 3.54 16.28 23.01
N LYS A 136 4.21 15.13 23.07
CA LYS A 136 5.26 14.93 24.07
C LYS A 136 6.39 15.95 23.88
N LEU A 137 6.83 16.19 22.65
CA LEU A 137 7.94 17.13 22.45
C LEU A 137 7.51 18.58 22.57
N GLY A 138 6.28 18.87 22.19
CA GLY A 138 5.73 20.21 22.19
C GLY A 138 6.20 21.00 20.98
N GLY A 139 5.53 22.14 20.77
CA GLY A 139 5.98 23.09 19.79
C GLY A 139 5.77 22.69 18.34
N LEU A 140 4.98 21.67 18.07
CA LEU A 140 4.85 21.13 16.72
C LEU A 140 3.44 20.58 16.59
N THR A 141 2.74 20.88 15.47
CA THR A 141 1.43 20.27 15.25
C THR A 141 1.43 19.57 13.87
N ILE A 142 0.58 18.54 13.73
CA ILE A 142 0.52 17.72 12.53
C ILE A 142 -0.93 17.63 12.07
N THR A 143 -1.20 17.99 10.82
CA THR A 143 -2.47 17.69 10.15
CA THR A 143 -2.48 17.66 10.19
C THR A 143 -2.29 16.43 9.31
N SER A 144 -3.15 15.42 9.54
CA SER A 144 -2.93 14.08 9.00
C SER A 144 -3.97 13.72 7.93
N VAL A 145 -3.50 13.32 6.75
CA VAL A 145 -4.40 12.68 5.78
C VAL A 145 -4.86 11.34 6.34
N GLU A 146 -6.15 11.03 6.18
CA GLU A 146 -6.75 9.81 6.73
C GLU A 146 -7.02 8.79 5.65
N SER A 147 -7.43 9.23 4.46
CA SER A 147 -7.58 8.32 3.32
C SER A 147 -7.48 9.13 2.04
N TRP A 148 -7.22 8.42 0.95
CA TRP A 148 -7.05 9.08 -0.34
C TRP A 148 -7.31 8.15 -1.53
N TYR A 149 -7.93 6.98 -1.28
CA TYR A 149 -8.28 6.02 -2.33
C TYR A 149 -9.19 6.62 -3.41
N ASP A 150 -9.93 7.68 -3.08
CA ASP A 150 -10.85 8.29 -4.02
C ASP A 150 -10.27 9.51 -4.71
N GLU A 151 -8.99 9.81 -4.52
CA GLU A 151 -8.42 10.91 -5.34
C GLU A 151 -8.48 10.53 -6.82
N PRO A 152 -9.11 11.35 -7.67
CA PRO A 152 -9.25 10.93 -9.07
C PRO A 152 -7.95 10.60 -9.78
N LYS A 153 -6.87 11.31 -9.47
CA LYS A 153 -5.61 10.97 -10.16
C LYS A 153 -5.08 9.60 -9.76
N PHE A 154 -5.39 9.14 -8.54
CA PHE A 154 -4.96 7.79 -8.13
C PHE A 154 -5.83 6.71 -8.79
N VAL A 155 -7.16 6.92 -8.80
CA VAL A 155 -8.04 6.03 -9.56
C VAL A 155 -7.57 5.92 -11.00
N THR A 156 -7.24 7.07 -11.62
CA THR A 156 -6.84 7.05 -13.03
C THR A 156 -5.52 6.28 -13.26
N TYR A 157 -4.60 6.34 -12.29
CA TYR A 157 -3.39 5.49 -12.42
C TYR A 157 -3.80 4.05 -12.69
N TRP A 158 -4.64 3.51 -11.79
CA TRP A 158 -5.02 2.09 -11.95
C TRP A 158 -5.92 1.82 -13.16
N VAL A 159 -6.84 2.74 -13.44
CA VAL A 159 -7.74 2.61 -14.59
C VAL A 159 -6.93 2.46 -15.87
N ASP A 160 -5.94 3.34 -16.06
CA ASP A 160 -5.14 3.25 -17.28
C ASP A 160 -4.30 1.98 -17.34
N ARG A 161 -3.77 1.50 -16.19
CA ARG A 161 -3.04 0.22 -16.23
CA ARG A 161 -3.04 0.22 -16.23
C ARG A 161 -3.97 -0.96 -16.53
N VAL A 162 -5.17 -0.97 -15.97
CA VAL A 162 -6.10 -2.05 -16.28
C VAL A 162 -6.48 -2.00 -17.77
N LYS A 163 -6.77 -0.80 -18.29
CA LYS A 163 -7.15 -0.72 -19.71
C LYS A 163 -6.04 -1.29 -20.60
N GLU A 164 -4.77 -0.96 -20.29
CA GLU A 164 -3.64 -1.48 -21.09
C GLU A 164 -3.58 -2.99 -21.02
N THR A 165 -3.79 -3.56 -19.82
CA THR A 165 -3.73 -5.02 -19.68
C THR A 165 -4.85 -5.70 -20.48
N TYR A 166 -6.07 -5.18 -20.39
CA TYR A 166 -7.14 -5.78 -21.18
C TYR A 166 -6.89 -5.63 -22.68
N ALA A 167 -6.36 -4.47 -23.09
CA ALA A 167 -6.13 -4.24 -24.52
C ALA A 167 -5.08 -5.18 -25.07
N SER A 168 -4.08 -5.54 -24.25
CA SER A 168 -2.99 -6.46 -24.61
C SER A 168 -3.41 -7.92 -24.69
N MET A 169 -4.61 -8.30 -24.22
CA MET A 169 -5.01 -9.70 -24.19
C MET A 169 -5.44 -10.23 -25.56
N PRO A 170 -5.25 -11.52 -25.81
CA PRO A 170 -5.92 -12.17 -26.95
C PRO A 170 -7.44 -12.08 -26.80
N GLU A 171 -8.14 -12.16 -27.93
CA GLU A 171 -9.58 -11.98 -27.94
C GLU A 171 -10.30 -12.87 -26.94
N ASP A 172 -9.95 -14.16 -26.90
CA ASP A 172 -10.66 -15.11 -26.03
C ASP A 172 -10.49 -14.76 -24.57
N GLU A 173 -9.28 -14.36 -24.17
CA GLU A 173 -9.07 -13.89 -22.80
C GLU A 173 -9.86 -12.62 -22.54
N ARG A 174 -9.78 -11.63 -23.45
CA ARG A 174 -10.47 -10.36 -23.22
C ARG A 174 -11.95 -10.60 -22.98
N GLU A 175 -12.53 -11.61 -23.66
CA GLU A 175 -13.93 -11.93 -23.45
C GLU A 175 -14.22 -12.82 -22.26
N ASN A 176 -13.22 -13.43 -21.62
CA ASN A 176 -13.46 -14.36 -20.52
CA ASN A 176 -13.45 -14.37 -20.54
C ASN A 176 -12.43 -14.13 -19.42
N ALA A 177 -12.34 -12.88 -18.97
CA ALA A 177 -11.40 -12.46 -17.95
C ALA A 177 -12.13 -12.00 -16.68
N MET A 178 -11.40 -12.02 -15.57
CA MET A 178 -11.91 -11.59 -14.28
C MET A 178 -10.87 -10.70 -13.64
N LEU A 179 -11.31 -9.53 -13.18
CA LEU A 179 -10.50 -8.55 -12.46
C LEU A 179 -10.70 -8.74 -10.95
N ILE A 180 -9.60 -8.99 -10.20
CA ILE A 180 -9.69 -9.16 -8.74
C ILE A 180 -8.97 -7.98 -8.10
N VAL A 181 -9.73 -7.17 -7.36
CA VAL A 181 -9.20 -5.98 -6.68
C VAL A 181 -9.07 -6.31 -5.19
N SER A 182 -7.90 -6.05 -4.60
CA SER A 182 -7.62 -6.52 -3.23
C SER A 182 -6.86 -5.52 -2.38
N ALA A 183 -6.87 -5.80 -1.07
CA ALA A 183 -6.04 -5.12 -0.08
C ALA A 183 -5.63 -6.14 0.99
N HIS A 184 -4.77 -5.70 1.91
CA HIS A 184 -4.34 -6.56 3.02
C HIS A 184 -5.51 -6.83 3.97
N SER A 185 -5.77 -8.12 4.26
CA SER A 185 -6.83 -8.52 5.18
C SER A 185 -6.54 -7.98 6.58
N LEU A 186 -7.61 -7.85 7.36
CA LEU A 186 -7.53 -7.51 8.78
C LEU A 186 -8.53 -8.39 9.50
N PRO A 187 -8.46 -8.45 10.84
CA PRO A 187 -9.47 -9.22 11.59
C PRO A 187 -10.87 -8.66 11.35
N GLU A 188 -11.84 -9.58 11.25
CA GLU A 188 -13.22 -9.18 11.07
C GLU A 188 -13.68 -8.30 12.23
N LYS A 189 -13.06 -8.45 13.40
CA LYS A 189 -13.44 -7.68 14.60
C LYS A 189 -13.37 -6.17 14.37
N ILE A 190 -12.61 -5.69 13.38
CA ILE A 190 -12.66 -4.24 13.13
C ILE A 190 -14.08 -3.73 12.85
N LYS A 191 -14.97 -4.59 12.37
CA LYS A 191 -16.36 -4.19 12.11
C LYS A 191 -17.10 -3.75 13.38
N GLU A 192 -16.67 -4.23 14.56
CA GLU A 192 -17.29 -3.77 15.81
C GLU A 192 -17.05 -2.28 16.04
N PHE A 193 -15.99 -1.70 15.44
CA PHE A 193 -15.74 -0.27 15.57
C PHE A 193 -16.30 0.54 14.41
N GLY A 194 -16.99 -0.09 13.46
CA GLY A 194 -17.48 0.62 12.30
C GLY A 194 -16.36 0.98 11.33
N ASP A 195 -15.23 0.26 11.38
CA ASP A 195 -14.07 0.57 10.53
C ASP A 195 -14.51 0.61 9.07
N PRO A 196 -14.26 1.71 8.35
CA PRO A 196 -14.68 1.79 6.95
C PRO A 196 -13.75 1.11 5.94
N TYR A 197 -12.67 0.47 6.40
CA TYR A 197 -11.71 -0.16 5.50
C TYR A 197 -12.39 -1.07 4.47
N PRO A 198 -13.25 -2.06 4.84
CA PRO A 198 -13.87 -2.89 3.77
C PRO A 198 -14.68 -2.09 2.78
N ASP A 199 -15.46 -1.11 3.25
CA ASP A 199 -16.27 -0.30 2.36
C ASP A 199 -15.39 0.47 1.39
N GLN A 200 -14.24 1.00 1.89
CA GLN A 200 -13.34 1.76 1.02
C GLN A 200 -12.67 0.86 -0.03
N LEU A 201 -12.31 -0.38 0.32
CA LEU A 201 -11.80 -1.31 -0.71
C LEU A 201 -12.86 -1.56 -1.77
N HIS A 202 -14.10 -1.81 -1.34
CA HIS A 202 -15.14 -2.08 -2.34
C HIS A 202 -15.36 -0.87 -3.24
N GLU A 203 -15.29 0.34 -2.68
CA GLU A 203 -15.45 1.54 -3.49
C GLU A 203 -14.26 1.75 -4.45
N SER A 204 -13.02 1.49 -3.99
CA SER A 204 -11.87 1.51 -4.92
C SER A 204 -12.12 0.59 -6.10
N ALA A 205 -12.61 -0.62 -5.82
CA ALA A 205 -12.86 -1.60 -6.86
C ALA A 205 -13.93 -1.10 -7.82
N LYS A 206 -15.04 -0.57 -7.28
CA LYS A 206 -16.09 0.00 -8.12
C LYS A 206 -15.53 1.08 -9.05
N LEU A 207 -14.75 2.02 -8.49
CA LEU A 207 -14.25 3.17 -9.26
C LEU A 207 -13.26 2.74 -10.33
N ILE A 208 -12.40 1.76 -10.04
CA ILE A 208 -11.40 1.31 -11.03
C ILE A 208 -12.04 0.50 -12.15
N ALA A 209 -12.95 -0.41 -11.79
CA ALA A 209 -13.62 -1.19 -12.81
C ALA A 209 -14.46 -0.28 -13.68
N GLU A 210 -15.15 0.67 -13.06
CA GLU A 210 -15.99 1.58 -13.83
C GLU A 210 -15.16 2.41 -14.81
N GLY A 211 -14.08 3.02 -14.34
CA GLY A 211 -13.28 3.83 -15.24
C GLY A 211 -12.66 3.01 -16.35
N ALA A 212 -12.34 1.73 -16.10
CA ALA A 212 -11.69 0.91 -17.12
C ALA A 212 -12.71 0.25 -18.03
N GLY A 213 -14.00 0.36 -17.71
CA GLY A 213 -15.01 -0.32 -18.52
C GLY A 213 -15.06 -1.82 -18.32
N VAL A 214 -14.70 -2.31 -17.14
CA VAL A 214 -14.62 -3.74 -16.87
C VAL A 214 -15.86 -4.12 -16.09
N SER A 215 -16.76 -4.89 -16.71
CA SER A 215 -18.00 -5.23 -16.04
CA SER A 215 -18.02 -5.28 -16.10
C SER A 215 -17.90 -6.43 -15.10
N GLU A 216 -16.93 -7.33 -15.29
CA GLU A 216 -16.80 -8.52 -14.44
C GLU A 216 -15.58 -8.35 -13.52
N TYR A 217 -15.86 -8.10 -12.25
CA TYR A 217 -14.79 -7.93 -11.26
C TYR A 217 -15.26 -8.46 -9.92
N ALA A 218 -14.29 -8.68 -9.02
CA ALA A 218 -14.55 -9.19 -7.67
C ALA A 218 -13.58 -8.56 -6.69
N VAL A 219 -13.98 -8.53 -5.42
CA VAL A 219 -13.19 -7.96 -4.34
C VAL A 219 -12.68 -9.09 -3.47
N GLY A 220 -11.38 -9.10 -3.20
CA GLY A 220 -10.81 -10.08 -2.29
C GLY A 220 -9.77 -9.46 -1.38
N TRP A 221 -9.29 -10.29 -0.46
CA TRP A 221 -8.31 -9.88 0.53
C TRP A 221 -7.09 -10.78 0.44
N GLN A 222 -5.96 -10.30 0.95
CA GLN A 222 -4.76 -11.12 0.89
C GLN A 222 -3.90 -10.88 2.12
N SER A 223 -3.00 -11.82 2.37
CA SER A 223 -1.95 -11.65 3.37
C SER A 223 -2.47 -11.72 4.82
N GLU A 224 -3.57 -12.42 5.07
CA GLU A 224 -4.06 -12.52 6.46
C GLU A 224 -3.03 -13.16 7.38
N GLY A 225 -3.15 -12.83 8.66
CA GLY A 225 -2.33 -13.44 9.69
C GLY A 225 -2.96 -14.71 10.19
N ASN A 226 -2.40 -15.24 11.30
CA ASN A 226 -2.77 -16.58 11.75
C ASN A 226 -3.37 -16.62 13.16
N THR A 227 -3.96 -15.52 13.61
CA THR A 227 -4.67 -15.53 14.89
C THR A 227 -5.98 -16.31 14.75
N PRO A 228 -6.49 -16.88 15.84
CA PRO A 228 -7.66 -17.77 15.72
C PRO A 228 -8.93 -17.04 15.31
N ASP A 229 -8.96 -15.71 15.43
CA ASP A 229 -10.18 -14.98 15.10
C ASP A 229 -10.32 -14.85 13.58
N PRO A 230 -11.55 -14.83 13.07
CA PRO A 230 -11.74 -14.76 11.62
C PRO A 230 -11.18 -13.47 11.04
N TRP A 231 -10.54 -13.59 9.87
CA TRP A 231 -10.06 -12.44 9.10
C TRP A 231 -10.95 -12.19 7.89
N LEU A 232 -10.91 -10.94 7.40
CA LEU A 232 -11.71 -10.59 6.23
C LEU A 232 -11.31 -11.50 5.08
N GLY A 233 -12.32 -12.02 4.39
CA GLY A 233 -12.12 -12.85 3.23
C GLY A 233 -13.18 -12.51 2.21
N PRO A 234 -13.19 -13.24 1.09
CA PRO A 234 -12.35 -14.39 0.79
C PRO A 234 -10.90 -13.99 0.47
N ASP A 235 -9.93 -14.86 0.77
CA ASP A 235 -8.57 -14.70 0.31
C ASP A 235 -8.48 -14.86 -1.21
N VAL A 236 -7.57 -14.07 -1.83
CA VAL A 236 -7.42 -14.07 -3.29
C VAL A 236 -7.15 -15.45 -3.87
N GLN A 237 -6.41 -16.32 -3.16
CA GLN A 237 -6.14 -17.66 -3.71
C GLN A 237 -7.43 -18.50 -3.81
N ASP A 238 -8.26 -18.46 -2.75
CA ASP A 238 -9.52 -19.19 -2.76
C ASP A 238 -10.49 -18.56 -3.72
N LEU A 239 -10.53 -17.23 -3.74
CA LEU A 239 -11.45 -16.52 -4.61
C LEU A 239 -11.17 -16.89 -6.08
N THR A 240 -9.88 -16.88 -6.47
CA THR A 240 -9.51 -17.23 -7.85
C THR A 240 -10.03 -18.61 -8.22
N ARG A 241 -9.74 -19.61 -7.38
CA ARG A 241 -10.18 -20.97 -7.69
C ARG A 241 -11.72 -21.07 -7.74
N ASP A 242 -12.41 -20.43 -6.83
CA ASP A 242 -13.87 -20.48 -6.80
C ASP A 242 -14.47 -19.86 -8.07
N LEU A 243 -13.99 -18.68 -8.45
CA LEU A 243 -14.53 -18.04 -9.65
C LEU A 243 -14.23 -18.88 -10.88
N PHE A 244 -13.02 -19.46 -10.96
CA PHE A 244 -12.73 -20.40 -12.04
C PHE A 244 -13.71 -21.56 -12.07
N GLU A 245 -13.94 -22.20 -10.94
CA GLU A 245 -14.84 -23.36 -10.89
C GLU A 245 -16.26 -22.99 -11.29
N GLN A 246 -16.68 -21.74 -11.02
CA GLN A 246 -18.02 -21.27 -11.39
C GLN A 246 -18.14 -21.05 -12.90
N LYS A 247 -17.24 -20.21 -13.46
CA LYS A 247 -17.44 -19.68 -14.82
C LYS A 247 -16.28 -19.86 -15.77
N GLY A 248 -15.19 -20.48 -15.34
CA GLY A 248 -14.13 -20.87 -16.26
C GLY A 248 -13.32 -19.76 -16.88
N TYR A 249 -13.09 -18.65 -16.15
CA TYR A 249 -12.30 -17.56 -16.69
C TYR A 249 -10.93 -18.03 -17.18
N GLN A 250 -10.51 -17.47 -18.31
CA GLN A 250 -9.26 -17.79 -18.95
C GLN A 250 -8.11 -16.87 -18.56
N ALA A 251 -8.42 -15.76 -17.86
CA ALA A 251 -7.41 -14.79 -17.48
C ALA A 251 -7.90 -14.15 -16.19
N PHE A 252 -6.95 -13.95 -15.27
CA PHE A 252 -7.20 -13.22 -14.03
C PHE A 252 -6.23 -12.05 -13.98
N VAL A 253 -6.80 -10.88 -13.66
CA VAL A 253 -6.06 -9.63 -13.56
C VAL A 253 -6.13 -9.18 -12.10
N TYR A 254 -4.94 -9.01 -11.48
CA TYR A 254 -4.89 -8.68 -10.04
C TYR A 254 -4.46 -7.23 -9.87
N VAL A 255 -5.32 -6.44 -9.24
CA VAL A 255 -5.00 -5.05 -8.85
C VAL A 255 -5.00 -5.00 -7.32
N PRO A 256 -3.83 -5.12 -6.66
CA PRO A 256 -3.77 -5.05 -5.20
C PRO A 256 -3.69 -3.58 -4.77
N VAL A 257 -4.83 -2.90 -4.94
CA VAL A 257 -4.92 -1.45 -4.76
C VAL A 257 -4.57 -0.99 -3.35
N GLY A 258 -4.67 -1.87 -2.35
CA GLY A 258 -4.27 -1.45 -1.02
C GLY A 258 -2.79 -1.20 -0.87
N PHE A 259 -1.94 -1.74 -1.79
CA PHE A 259 -0.48 -1.65 -1.72
C PHE A 259 -0.01 -0.67 -2.78
N VAL A 260 1.02 0.13 -2.47
CA VAL A 260 1.53 1.13 -3.41
C VAL A 260 2.96 0.89 -3.76
N ALA A 261 3.58 -0.16 -3.23
CA ALA A 261 5.00 -0.35 -3.40
C ALA A 261 5.31 -1.82 -3.47
N ASP A 262 6.28 -2.17 -4.31
CA ASP A 262 6.72 -3.56 -4.36
C ASP A 262 7.22 -4.00 -2.99
N HIS A 263 6.81 -5.17 -2.54
CA HIS A 263 7.28 -5.81 -1.32
C HIS A 263 6.81 -7.25 -1.44
N LEU A 264 7.08 -8.06 -0.43
CA LEU A 264 6.77 -9.47 -0.51
C LEU A 264 5.28 -9.71 -0.68
N GLU A 265 4.44 -8.87 -0.04
CA GLU A 265 3.01 -9.11 -0.09
C GLU A 265 2.39 -8.84 -1.47
N VAL A 266 3.14 -8.27 -2.42
CA VAL A 266 2.73 -8.22 -3.82
C VAL A 266 3.54 -9.22 -4.67
N LEU A 267 4.89 -9.09 -4.64
CA LEU A 267 5.77 -9.89 -5.51
C LEU A 267 5.72 -11.36 -5.17
N TYR A 268 5.43 -11.72 -3.91
CA TYR A 268 5.19 -13.09 -3.49
C TYR A 268 3.71 -13.43 -3.37
N ASP A 269 2.94 -12.73 -2.54
CA ASP A 269 1.56 -13.16 -2.31
C ASP A 269 0.67 -13.05 -3.58
N ASN A 270 0.95 -12.12 -4.49
CA ASN A 270 0.31 -12.17 -5.81
C ASN A 270 1.15 -12.96 -6.82
N ASP A 271 2.34 -12.45 -7.18
CA ASP A 271 3.07 -12.94 -8.36
C ASP A 271 3.62 -14.35 -8.20
N TYR A 272 3.68 -14.88 -6.96
CA TYR A 272 3.90 -16.30 -6.73
C TYR A 272 2.62 -17.04 -6.34
N GLU A 273 1.96 -16.66 -5.22
CA GLU A 273 0.90 -17.52 -4.71
C GLU A 273 -0.34 -17.52 -5.61
N CYS A 274 -0.70 -16.35 -6.17
CA CYS A 274 -1.84 -16.32 -7.09
C CYS A 274 -1.49 -16.99 -8.42
N LYS A 275 -0.24 -16.76 -8.87
CA LYS A 275 0.28 -17.36 -10.11
C LYS A 275 0.32 -18.89 -10.02
N VAL A 276 0.63 -19.45 -8.84
CA VAL A 276 0.53 -20.91 -8.65
C VAL A 276 -0.86 -21.38 -9.02
N VAL A 277 -1.89 -20.67 -8.54
CA VAL A 277 -3.30 -21.04 -8.77
C VAL A 277 -3.68 -20.87 -10.25
N THR A 278 -3.33 -19.73 -10.84
CA THR A 278 -3.68 -19.54 -12.26
C THR A 278 -2.94 -20.54 -13.17
N ASP A 279 -1.66 -20.83 -12.88
CA ASP A 279 -0.95 -21.85 -13.64
C ASP A 279 -1.62 -23.19 -13.47
N ASP A 280 -2.11 -23.49 -12.27
CA ASP A 280 -2.72 -24.80 -12.02
C ASP A 280 -4.00 -24.97 -12.81
N ILE A 281 -4.78 -23.89 -12.98
CA ILE A 281 -6.07 -23.96 -13.66
C ILE A 281 -5.94 -23.68 -15.15
N GLY A 282 -4.74 -23.36 -15.63
CA GLY A 282 -4.53 -23.05 -17.04
C GLY A 282 -4.94 -21.65 -17.48
N ALA A 283 -5.09 -20.71 -16.56
CA ALA A 283 -5.44 -19.34 -16.88
C ALA A 283 -4.18 -18.49 -16.98
N SER A 284 -4.28 -17.41 -17.74
CA SER A 284 -3.20 -16.47 -17.77
C SER A 284 -3.30 -15.58 -16.54
N TYR A 285 -2.14 -15.08 -16.12
CA TYR A 285 -1.97 -14.23 -14.94
C TYR A 285 -1.48 -12.85 -15.40
N TYR A 286 -2.11 -11.77 -14.89
CA TYR A 286 -1.63 -10.42 -15.11
C TYR A 286 -1.73 -9.67 -13.79
N ARG A 287 -0.72 -8.86 -13.50
CA ARG A 287 -0.74 -8.00 -12.31
C ARG A 287 0.02 -6.73 -12.72
N PRO A 288 -0.70 -5.62 -13.04
CA PRO A 288 -0.01 -4.41 -13.51
C PRO A 288 0.90 -3.79 -12.45
N GLU A 289 1.79 -2.92 -12.91
CA GLU A 289 2.86 -2.44 -12.06
C GLU A 289 2.33 -1.62 -10.89
N MET A 290 2.98 -1.81 -9.73
CA MET A 290 2.75 -0.97 -8.55
CA MET A 290 2.69 -0.96 -8.60
C MET A 290 3.13 0.47 -8.89
N PRO A 291 2.47 1.46 -8.29
CA PRO A 291 2.86 2.85 -8.54
C PRO A 291 4.30 3.18 -8.17
N ASN A 292 4.86 2.62 -7.11
CA ASN A 292 6.23 2.92 -6.68
C ASN A 292 6.42 4.44 -6.70
N ALA A 293 7.48 4.97 -7.33
CA ALA A 293 7.75 6.41 -7.32
C ALA A 293 7.55 7.05 -8.69
N LYS A 294 6.72 6.44 -9.53
CA LYS A 294 6.42 6.95 -10.86
C LYS A 294 5.81 8.36 -10.81
N PRO A 295 6.16 9.25 -11.75
CA PRO A 295 5.64 10.63 -11.73
C PRO A 295 4.12 10.75 -11.67
N GLU A 296 3.37 9.89 -12.37
CA GLU A 296 1.91 10.01 -12.32
C GLU A 296 1.39 9.82 -10.88
N PHE A 297 1.97 8.87 -10.17
CA PHE A 297 1.59 8.60 -8.78
C PHE A 297 2.03 9.72 -7.85
N ILE A 298 3.26 10.22 -8.01
CA ILE A 298 3.73 11.34 -7.21
C ILE A 298 2.81 12.56 -7.38
N ASP A 299 2.34 12.83 -8.61
CA ASP A 299 1.43 13.96 -8.78
C ASP A 299 0.09 13.71 -8.10
N ALA A 300 -0.39 12.45 -8.10
CA ALA A 300 -1.63 12.15 -7.34
C ALA A 300 -1.43 12.44 -5.83
N LEU A 301 -0.29 11.99 -5.26
CA LEU A 301 -0.04 12.23 -3.83
C LEU A 301 0.09 13.72 -3.55
N ALA A 302 0.73 14.48 -4.46
CA ALA A 302 0.89 15.90 -4.21
C ALA A 302 -0.46 16.60 -4.20
N THR A 303 -1.36 16.16 -5.07
CA THR A 303 -2.72 16.73 -5.07
C THR A 303 -3.48 16.38 -3.79
N VAL A 304 -3.34 15.14 -3.29
CA VAL A 304 -3.93 14.76 -1.99
C VAL A 304 -3.47 15.71 -0.90
N VAL A 305 -2.16 15.98 -0.84
CA VAL A 305 -1.65 16.82 0.24
C VAL A 305 -2.16 18.26 0.11
N LEU A 306 -2.09 18.82 -1.10
CA LEU A 306 -2.54 20.21 -1.29
C LEU A 306 -4.06 20.37 -1.07
N LYS A 307 -4.85 19.35 -1.45
CA LYS A 307 -6.27 19.40 -1.12
C LYS A 307 -6.48 19.37 0.39
N LYS A 308 -5.72 18.52 1.13
CA LYS A 308 -5.87 18.45 2.59
C LYS A 308 -5.61 19.80 3.25
N LEU A 309 -4.67 20.56 2.72
CA LEU A 309 -4.33 21.88 3.24
C LEU A 309 -5.20 22.98 2.65
N GLY A 310 -6.16 22.65 1.77
CA GLY A 310 -7.11 23.62 1.25
C GLY A 310 -6.52 24.53 0.21
N ARG A 311 -5.37 24.18 -0.37
CA ARG A 311 -4.63 25.06 -1.29
C ARG A 311 -4.91 24.75 -2.76
N VAL A 312 -5.77 23.77 -3.03
CA VAL A 312 -6.32 23.56 -4.37
C VAL A 312 -7.76 23.11 -4.13
C1 9UM B . 5.13 -6.80 3.23
C2 9UM B . 5.51 -7.27 4.55
C3 9UM B . 5.05 -6.35 5.46
C4 9UM B . 3.61 -4.22 4.99
C5 9UM B . 3.18 -3.77 3.77
C6 9UM B . 3.72 -4.65 2.74
C7 9UM B . 2.33 -2.58 3.48
C8 9UM B . 3.37 -3.62 6.36
C9 9UM B . 5.15 -6.35 6.94
C10 9UM B . 6.30 -8.52 4.74
N1 9UM B . 4.42 -5.34 4.78
N2 9UM B . 4.46 -5.60 3.42
O1 9UM B . 5.31 -7.24 2.11
O2 9UM B . 3.58 -4.68 1.51
MG MG C . -11.97 11.50 2.24
MG MG D . 0.19 -15.64 3.49
MG MG E . 25.65 -10.09 4.45
NI NI F . 1.02 -8.43 6.48
NI NI G . -17.92 -7.65 -1.26
CL CL H . -6.41 9.23 11.84
CL CL I . -8.14 13.00 4.80
CL CL J . -11.44 8.22 5.84
CL CL K . 1.49 -2.20 -15.96
CL CL L . 4.53 7.97 -14.70
#